data_3KW4
#
_entry.id   3KW4
#
_cell.length_a   93.500
_cell.length_b   93.500
_cell.length_c   137.070
_cell.angle_alpha   90.00
_cell.angle_beta   90.00
_cell.angle_gamma   120.00
#
_symmetry.space_group_name_H-M   'P 32 2 1'
#
loop_
_entity.id
_entity.type
_entity.pdbx_description
1 polymer 'Cytochrome P450 2B4'
2 non-polymer 'PROTOPORPHYRIN IX CONTAINING FE'
3 non-polymer ticlopidine
4 non-polymer 5-CYCLOHEXYL-1-PENTYL-BETA-D-MALTOSIDE
5 non-polymer '2-{[(3alpha,5alpha,7alpha,8alpha,10alpha,12alpha,17alpha)-3,12-bis{2-[(4-O-alpha-D-glucopyranosyl-beta-D-glucopyranosyl)oxy]ethoxy}cholan-7-yl]oxy}ethyl 4-O-alpha-D-glucopyranosyl-beta-D-glucopyranoside'
6 water water
#
_entity_poly.entity_id   1
_entity_poly.type   'polypeptide(L)'
_entity_poly.pdbx_seq_one_letter_code
;MAKKTSSKGKLPPGPSPLPVLGNLLQMDRKGLLRSFLRLREKYGDVFTVYLGSRPVVVLCGTDAIREALVDQAEAFSGRG
KIAVVDPIFQGYGVIFANGERWRALRRFSLATMRDFGMGKRSVEERIQEEARCLVEELRKSKGALLDNTLLFHSITSNII
CSIVFGKRFDYKDPVFLRLLDLFFQSFSLISSFSSQVFELFSGFLKYFPGTHRQIYRNLQEINTFIGQSVEKHRATLDPS
NPRDFIDVYLLRMEKDKSDPSSEFHHQNLILTVLSLFFAGTETTSTTLRYGFLLMLKYPHVTERVQKEIEQVIGSHRPPA
LDDRAKMPYTDAVIHEIQRLGDLIPFGVPHTVTKDTQFRGYVIPKNTEVFPVLSSALHDPRYFETPNTFNPGHFLDANGA
LKRNEGFMPFSLGKRICLGEGIARTELFLFFTTILQNFSIASPVPPEDIDLTPRESGVGNVPPSYQIRFLARHHHH
;
_entity_poly.pdbx_strand_id   A
#
# COMPACT_ATOMS: atom_id res chain seq x y z
N LYS A 8 -15.38 33.97 -12.89
CA LYS A 8 -14.93 32.64 -13.33
C LYS A 8 -13.39 32.43 -13.24
N GLY A 9 -12.95 31.76 -12.17
CA GLY A 9 -11.56 31.42 -11.96
C GLY A 9 -11.13 30.28 -12.86
N LYS A 10 -11.94 29.21 -12.85
CA LYS A 10 -11.89 28.05 -13.77
C LYS A 10 -10.99 26.83 -13.41
N LEU A 11 -11.20 25.72 -14.15
CA LEU A 11 -10.40 24.50 -13.99
C LEU A 11 -8.99 24.65 -14.54
N PRO A 12 -8.02 23.87 -14.01
CA PRO A 12 -6.67 23.95 -14.53
C PRO A 12 -6.61 23.67 -16.03
N PRO A 13 -5.48 24.03 -16.64
CA PRO A 13 -5.29 23.82 -18.08
C PRO A 13 -5.37 22.34 -18.44
N GLY A 14 -5.68 22.07 -19.69
CA GLY A 14 -5.70 20.71 -20.19
C GLY A 14 -6.39 20.57 -21.52
N PRO A 15 -6.09 19.34 -22.15
CA PRO A 15 -6.61 19.00 -23.53
C PRO A 15 -8.11 19.14 -23.69
N SER A 16 -8.55 19.38 -24.90
CA SER A 16 -9.96 19.57 -25.17
C SER A 16 -10.61 18.20 -25.33
N PRO A 17 -11.63 17.89 -24.51
CA PRO A 17 -12.37 16.62 -24.53
C PRO A 17 -13.46 16.47 -25.61
N LEU A 18 -13.67 15.24 -26.06
CA LEU A 18 -14.88 14.87 -26.80
C LEU A 18 -15.96 14.51 -25.79
N PRO A 19 -17.23 14.59 -26.20
CA PRO A 19 -18.27 14.03 -25.35
C PRO A 19 -18.12 12.50 -25.29
N VAL A 20 -18.28 11.94 -24.09
CA VAL A 20 -18.24 10.50 -23.90
C VAL A 20 -16.80 9.98 -23.89
N LEU A 21 -16.11 10.08 -25.02
CA LEU A 21 -14.70 9.70 -25.11
C LEU A 21 -13.80 10.43 -24.12
N GLY A 22 -14.18 11.66 -23.77
CA GLY A 22 -13.32 12.50 -22.98
C GLY A 22 -11.99 12.75 -23.67
N ASN A 23 -10.90 12.57 -22.93
CA ASN A 23 -9.57 12.84 -23.47
C ASN A 23 -8.85 11.60 -23.98
N LEU A 24 -9.61 10.53 -24.17
CA LEU A 24 -9.07 9.25 -24.64
C LEU A 24 -8.01 9.38 -25.73
N LEU A 25 -8.28 10.21 -26.72
CA LEU A 25 -7.36 10.36 -27.85
C LEU A 25 -6.07 11.07 -27.47
N GLN A 26 -5.98 11.55 -26.24
CA GLN A 26 -4.75 12.17 -25.79
C GLN A 26 -4.03 11.27 -24.82
N MET A 27 -4.65 10.16 -24.44
CA MET A 27 -4.02 9.26 -23.50
C MET A 27 -2.94 8.47 -24.22
N ASP A 28 -2.21 7.66 -23.44
CA ASP A 28 -1.13 6.86 -23.96
C ASP A 28 -1.46 5.36 -23.78
N ARG A 29 -1.13 4.54 -24.78
CA ARG A 29 -1.49 3.11 -24.74
C ARG A 29 -0.87 2.38 -23.54
N LYS A 30 0.25 2.90 -23.04
CA LYS A 30 0.98 2.28 -21.93
C LYS A 30 0.30 2.37 -20.56
N GLY A 31 -0.82 3.10 -20.47
CA GLY A 31 -1.52 3.24 -19.21
C GLY A 31 -1.71 4.65 -18.68
N LEU A 32 -2.42 4.73 -17.56
CA LEU A 32 -2.78 6.00 -16.94
C LEU A 32 -1.57 6.82 -16.55
N LEU A 33 -0.52 6.15 -16.08
CA LEU A 33 0.62 6.86 -15.59
C LEU A 33 1.31 7.55 -16.73
N ARG A 34 1.75 6.78 -17.73
CA ARG A 34 2.39 7.38 -18.89
C ARG A 34 1.55 8.51 -19.48
N SER A 35 0.24 8.34 -19.47
CA SER A 35 -0.65 9.41 -19.95
C SER A 35 -0.45 10.71 -19.16
N PHE A 36 -0.61 10.60 -17.85
CA PHE A 36 -0.41 11.71 -16.95
C PHE A 36 0.96 12.32 -17.13
N LEU A 37 1.97 11.50 -17.29
CA LEU A 37 3.29 12.09 -17.46
C LEU A 37 3.46 12.78 -18.82
N ARG A 38 2.98 12.17 -19.89
CA ARG A 38 2.99 12.87 -21.17
C ARG A 38 2.28 14.23 -21.07
N LEU A 39 1.15 14.27 -20.37
CA LEU A 39 0.34 15.46 -20.31
C LEU A 39 0.99 16.52 -19.47
N ARG A 40 1.78 16.07 -18.50
CA ARG A 40 2.57 16.97 -17.68
C ARG A 40 3.51 17.79 -18.56
N GLU A 41 4.28 17.13 -19.41
CA GLU A 41 5.20 17.83 -20.30
C GLU A 41 4.52 18.95 -21.07
N LYS A 42 3.28 18.73 -21.47
CA LYS A 42 2.57 19.75 -22.24
C LYS A 42 1.99 20.81 -21.33
N TYR A 43 1.23 20.39 -20.33
CA TYR A 43 0.38 21.30 -19.57
C TYR A 43 0.93 21.68 -18.22
N GLY A 44 2.01 21.06 -17.81
CA GLY A 44 2.58 21.36 -16.50
C GLY A 44 2.11 20.46 -15.37
N ASP A 45 2.32 20.94 -14.15
CA ASP A 45 2.16 20.12 -12.96
C ASP A 45 0.74 20.09 -12.41
N VAL A 46 -0.14 20.91 -12.99
CA VAL A 46 -1.52 20.91 -12.55
C VAL A 46 -2.43 21.02 -13.74
N PHE A 47 -3.01 19.90 -14.14
CA PHE A 47 -3.89 19.94 -15.28
C PHE A 47 -5.18 19.18 -15.02
N THR A 48 -6.08 19.32 -15.99
CA THR A 48 -7.35 18.67 -15.95
C THR A 48 -7.38 17.74 -17.13
N VAL A 49 -7.72 16.49 -16.86
CA VAL A 49 -7.92 15.55 -17.94
C VAL A 49 -9.27 14.92 -17.73
N TYR A 50 -10.04 14.82 -18.81
CA TYR A 50 -11.35 14.20 -18.74
C TYR A 50 -11.28 12.71 -18.97
N LEU A 51 -11.52 11.94 -17.90
CA LEU A 51 -11.56 10.47 -17.96
C LEU A 51 -12.97 10.06 -18.25
N GLY A 52 -13.23 9.57 -19.46
CA GLY A 52 -14.59 9.51 -19.92
C GLY A 52 -15.21 10.89 -19.86
N SER A 53 -16.28 11.03 -19.08
CA SER A 53 -17.02 12.30 -19.06
C SER A 53 -16.72 13.08 -17.78
N ARG A 54 -16.16 12.41 -16.78
CA ARG A 54 -15.84 13.10 -15.55
C ARG A 54 -14.43 13.68 -15.57
N PRO A 55 -14.30 14.95 -15.20
CA PRO A 55 -13.00 15.60 -15.31
C PRO A 55 -12.21 15.29 -14.06
N VAL A 56 -10.89 15.20 -14.17
CA VAL A 56 -10.08 15.01 -12.97
C VAL A 56 -8.88 15.95 -12.94
N VAL A 57 -8.48 16.33 -11.74
CA VAL A 57 -7.30 17.16 -11.62
C VAL A 57 -6.10 16.34 -11.19
N VAL A 58 -5.07 16.38 -12.02
CA VAL A 58 -3.86 15.64 -11.78
C VAL A 58 -2.82 16.55 -11.17
N LEU A 59 -2.22 16.12 -10.07
CA LEU A 59 -1.11 16.83 -9.45
C LEU A 59 0.20 16.12 -9.67
N CYS A 60 1.16 16.77 -10.32
CA CYS A 60 2.51 16.19 -10.45
C CYS A 60 3.56 17.07 -9.80
N GLY A 61 4.65 16.47 -9.37
CA GLY A 61 5.71 17.19 -8.70
C GLY A 61 5.48 17.26 -7.20
N THR A 62 6.55 17.38 -6.44
CA THR A 62 6.44 17.45 -4.98
C THR A 62 5.70 18.69 -4.51
N ASP A 63 6.10 19.83 -5.08
CA ASP A 63 5.56 21.13 -4.65
C ASP A 63 4.04 21.09 -4.79
N ALA A 64 3.59 20.72 -5.98
CA ALA A 64 2.15 20.74 -6.26
C ALA A 64 1.43 19.77 -5.35
N ILE A 65 1.97 18.57 -5.23
CA ILE A 65 1.36 17.58 -4.35
C ILE A 65 1.23 18.14 -2.91
N ARG A 66 2.33 18.65 -2.36
CA ARG A 66 2.34 19.23 -1.01
C ARG A 66 1.37 20.39 -0.76
N GLU A 67 1.27 21.31 -1.70
CA GLU A 67 0.38 22.43 -1.55
C GLU A 67 -1.06 22.00 -1.36
N ALA A 68 -1.45 20.96 -2.10
CA ALA A 68 -2.80 20.48 -2.03
C ALA A 68 -2.97 19.68 -0.76
N LEU A 69 -2.08 18.72 -0.55
CA LEU A 69 -2.35 17.73 0.50
C LEU A 69 -2.08 18.19 1.92
N VAL A 70 -0.97 18.93 2.12
CA VAL A 70 -0.57 19.45 3.43
C VAL A 70 -1.14 20.85 3.71
N ASP A 71 -0.86 21.79 2.82
CA ASP A 71 -1.33 23.17 2.99
C ASP A 71 -2.86 23.27 2.99
N GLN A 72 -3.50 22.73 1.97
CA GLN A 72 -4.95 22.71 1.95
C GLN A 72 -5.47 21.34 2.31
N ALA A 73 -4.73 20.73 3.24
CA ALA A 73 -5.04 19.43 3.82
C ALA A 73 -6.51 19.00 3.82
N GLU A 74 -7.40 19.88 4.27
CA GLU A 74 -8.78 19.48 4.48
C GLU A 74 -9.57 19.54 3.20
N ALA A 75 -9.33 20.57 2.41
CA ALA A 75 -10.05 20.68 1.14
C ALA A 75 -9.86 19.38 0.34
N PHE A 76 -8.67 18.82 0.41
CA PHE A 76 -8.33 17.61 -0.35
C PHE A 76 -8.44 16.34 0.50
N SER A 77 -9.21 16.39 1.58
CA SER A 77 -9.31 15.25 2.46
C SER A 77 -10.30 14.20 1.86
N GLY A 78 -10.82 14.48 0.68
CA GLY A 78 -11.84 13.62 0.11
C GLY A 78 -11.28 12.44 -0.65
N ARG A 79 -12.04 11.35 -0.66
CA ARG A 79 -11.68 10.12 -1.38
C ARG A 79 -12.63 9.80 -2.53
N GLY A 80 -12.10 9.64 -3.74
CA GLY A 80 -12.89 9.21 -4.89
C GLY A 80 -12.92 7.69 -5.07
N LYS A 81 -13.63 7.21 -6.09
CA LYS A 81 -13.75 5.75 -6.26
C LYS A 81 -12.77 5.12 -7.25
N ILE A 82 -12.54 3.83 -7.09
CA ILE A 82 -11.87 3.04 -8.12
C ILE A 82 -12.95 2.19 -8.77
N ALA A 83 -13.17 2.39 -10.07
CA ALA A 83 -14.29 1.77 -10.76
C ALA A 83 -14.44 0.26 -10.47
N VAL A 84 -13.37 -0.50 -10.63
CA VAL A 84 -13.48 -1.94 -10.48
C VAL A 84 -13.79 -2.44 -9.08
N VAL A 85 -13.67 -1.61 -8.06
CA VAL A 85 -13.90 -2.12 -6.71
C VAL A 85 -15.03 -1.39 -6.05
N ASP A 86 -15.53 -0.35 -6.71
CA ASP A 86 -16.62 0.41 -6.13
C ASP A 86 -17.86 -0.45 -5.84
N PRO A 87 -18.18 -1.43 -6.71
CA PRO A 87 -19.35 -2.28 -6.49
C PRO A 87 -19.30 -3.07 -5.19
N ILE A 88 -18.09 -3.45 -4.78
CA ILE A 88 -17.84 -4.06 -3.49
C ILE A 88 -17.93 -3.05 -2.35
N PHE A 89 -17.12 -2.01 -2.43
CA PHE A 89 -16.97 -1.09 -1.31
C PHE A 89 -18.13 -0.10 -1.18
N GLN A 90 -18.67 0.33 -2.31
CA GLN A 90 -19.88 1.14 -2.30
C GLN A 90 -19.85 2.36 -1.38
N GLY A 91 -18.66 2.79 -1.01
CA GLY A 91 -18.53 3.96 -0.17
C GLY A 91 -18.40 3.62 1.29
N TYR A 92 -18.40 2.33 1.61
CA TYR A 92 -18.20 1.89 2.99
C TYR A 92 -16.77 1.46 3.28
N GLY A 93 -16.49 1.24 4.56
CA GLY A 93 -15.14 0.87 4.97
C GLY A 93 -14.22 2.08 5.10
N VAL A 94 -13.09 1.87 5.76
CA VAL A 94 -12.24 3.01 6.05
C VAL A 94 -11.64 3.67 4.80
N ILE A 95 -11.16 2.90 3.83
CA ILE A 95 -10.57 3.51 2.63
C ILE A 95 -11.55 4.37 1.81
N PHE A 96 -12.74 3.84 1.54
CA PHE A 96 -13.55 4.44 0.48
C PHE A 96 -14.69 5.32 0.95
N ALA A 97 -14.80 5.45 2.28
CA ALA A 97 -15.75 6.37 2.93
C ALA A 97 -15.33 7.84 2.87
N ASN A 98 -16.31 8.73 2.97
CA ASN A 98 -16.05 10.17 2.99
C ASN A 98 -16.69 10.86 4.20
N GLY A 99 -16.50 12.17 4.29
CA GLY A 99 -17.12 12.95 5.33
C GLY A 99 -17.05 12.30 6.70
N GLU A 100 -18.19 12.30 7.39
CA GLU A 100 -18.23 11.88 8.78
C GLU A 100 -18.00 10.38 8.95
N ARG A 101 -18.48 9.58 8.01
CA ARG A 101 -18.23 8.16 8.11
C ARG A 101 -16.72 7.87 8.16
N TRP A 102 -16.01 8.48 7.22
CA TRP A 102 -14.58 8.25 7.11
C TRP A 102 -13.91 8.77 8.37
N ARG A 103 -14.35 9.95 8.80
CA ARG A 103 -13.76 10.62 9.94
C ARG A 103 -13.91 9.70 11.15
N ALA A 104 -15.08 9.10 11.27
CA ALA A 104 -15.37 8.21 12.40
C ALA A 104 -14.52 6.93 12.33
N LEU A 105 -14.56 6.26 11.19
CA LEU A 105 -13.85 5.00 11.03
C LEU A 105 -12.34 5.16 11.27
N ARG A 106 -11.76 6.19 10.69
CA ARG A 106 -10.31 6.35 10.75
C ARG A 106 -9.86 6.66 12.17
N ARG A 107 -10.68 7.40 12.91
CA ARG A 107 -10.40 7.68 14.32
C ARG A 107 -10.45 6.38 15.13
N PHE A 108 -11.50 5.59 14.92
CA PHE A 108 -11.59 4.28 15.52
C PHE A 108 -10.40 3.40 15.14
N SER A 109 -10.05 3.42 13.86
CA SER A 109 -9.07 2.49 13.33
C SER A 109 -7.66 2.76 13.85
N LEU A 110 -7.34 4.04 14.06
CA LEU A 110 -6.06 4.39 14.66
C LEU A 110 -6.02 3.90 16.10
N ALA A 111 -6.72 4.63 16.98
CA ALA A 111 -6.87 4.25 18.38
C ALA A 111 -6.65 2.77 18.58
N THR A 112 -7.45 1.97 17.89
CA THR A 112 -7.54 0.54 18.15
C THR A 112 -6.19 -0.18 18.04
N MET A 113 -5.64 -0.23 16.84
CA MET A 113 -4.37 -0.90 16.61
C MET A 113 -3.24 -0.16 17.32
N ARG A 114 -3.54 1.06 17.79
CA ARG A 114 -2.56 1.95 18.39
C ARG A 114 -2.16 1.58 19.82
N ASP A 115 -2.72 0.49 20.36
CA ASP A 115 -2.42 0.13 21.75
C ASP A 115 -2.57 -1.36 22.10
N PHE A 116 -3.78 -1.88 21.98
CA PHE A 116 -4.05 -3.27 22.37
C PHE A 116 -4.04 -3.47 23.91
N GLY A 117 -3.18 -2.76 24.63
CA GLY A 117 -3.31 -2.71 26.07
C GLY A 117 -2.16 -3.18 26.95
N MET A 118 -2.44 -3.29 28.26
CA MET A 118 -1.45 -3.56 29.31
C MET A 118 -1.09 -5.04 29.53
N GLY A 119 -1.80 -5.95 28.85
CA GLY A 119 -1.48 -7.36 28.88
C GLY A 119 -1.43 -7.91 27.47
N LYS A 120 -2.25 -7.32 26.60
CA LYS A 120 -2.37 -7.73 25.20
C LYS A 120 -1.06 -7.55 24.46
N ARG A 121 -0.80 -8.43 23.49
CA ARG A 121 0.44 -8.43 22.72
C ARG A 121 0.39 -7.34 21.66
N SER A 122 1.55 -6.75 21.33
CA SER A 122 1.58 -5.57 20.47
C SER A 122 1.94 -5.93 19.04
N VAL A 123 1.69 -4.99 18.13
CA VAL A 123 1.96 -5.20 16.71
C VAL A 123 3.42 -5.52 16.40
N GLU A 124 4.34 -4.84 17.06
CA GLU A 124 5.73 -5.19 16.88
C GLU A 124 5.97 -6.63 17.36
N GLU A 125 5.38 -6.97 18.50
CA GLU A 125 5.56 -8.31 19.04
C GLU A 125 5.06 -9.30 18.00
N ARG A 126 3.85 -9.05 17.52
CA ARG A 126 3.27 -9.90 16.50
C ARG A 126 4.22 -10.03 15.30
N ILE A 127 4.68 -8.90 14.76
CA ILE A 127 5.57 -8.93 13.60
C ILE A 127 6.85 -9.70 13.91
N GLN A 128 7.31 -9.62 15.14
CA GLN A 128 8.54 -10.30 15.48
C GLN A 128 8.30 -11.81 15.39
N GLU A 129 7.14 -12.22 15.87
CA GLU A 129 6.75 -13.61 15.88
C GLU A 129 6.63 -14.12 14.46
N GLU A 130 5.95 -13.35 13.62
CA GLU A 130 5.82 -13.69 12.22
C GLU A 130 7.18 -13.84 11.59
N ALA A 131 8.11 -12.99 11.98
CA ALA A 131 9.45 -13.01 11.41
C ALA A 131 10.14 -14.31 11.75
N ARG A 132 10.02 -14.71 13.00
CA ARG A 132 10.61 -15.95 13.48
C ARG A 132 10.01 -17.16 12.75
N CYS A 133 8.69 -17.29 12.81
CA CYS A 133 7.99 -18.30 12.03
C CYS A 133 8.51 -18.32 10.60
N LEU A 134 8.71 -17.14 10.00
CA LEU A 134 9.21 -17.10 8.63
C LEU A 134 10.61 -17.70 8.49
N VAL A 135 11.49 -17.37 9.43
CA VAL A 135 12.87 -17.85 9.35
C VAL A 135 12.94 -19.36 9.53
N GLU A 136 12.05 -19.88 10.39
CA GLU A 136 11.89 -21.32 10.56
C GLU A 136 11.47 -21.91 9.21
N GLU A 137 10.42 -21.33 8.62
CA GLU A 137 9.96 -21.78 7.31
C GLU A 137 11.05 -21.72 6.23
N LEU A 138 11.86 -20.67 6.24
CA LEU A 138 12.90 -20.54 5.21
C LEU A 138 14.09 -21.47 5.41
N ARG A 139 14.21 -22.03 6.62
CA ARG A 139 15.29 -22.97 6.91
C ARG A 139 15.05 -24.31 6.19
N LYS A 140 13.81 -24.79 6.30
CA LYS A 140 13.40 -26.08 5.74
C LYS A 140 13.77 -26.24 4.27
N SER A 141 13.79 -25.15 3.52
CA SER A 141 14.09 -25.20 2.09
C SER A 141 15.59 -25.39 1.84
N LYS A 142 16.35 -25.53 2.92
CA LYS A 142 17.78 -25.86 2.90
C LYS A 142 18.60 -25.30 1.73
N GLY A 143 18.35 -24.05 1.38
CA GLY A 143 19.23 -23.38 0.44
C GLY A 143 18.82 -23.60 -0.99
N ALA A 144 17.53 -23.92 -1.18
CA ALA A 144 17.01 -24.26 -2.49
C ALA A 144 16.43 -23.05 -3.23
N LEU A 145 16.47 -23.11 -4.56
CA LEU A 145 15.83 -22.11 -5.38
C LEU A 145 14.34 -22.01 -5.13
N LEU A 146 13.87 -20.82 -4.77
CA LEU A 146 12.44 -20.63 -4.65
C LEU A 146 11.94 -19.30 -5.21
N ASP A 147 10.64 -19.12 -5.14
CA ASP A 147 10.00 -17.90 -5.54
C ASP A 147 9.26 -17.39 -4.32
N ASN A 148 9.77 -16.30 -3.75
CA ASN A 148 9.34 -15.81 -2.44
C ASN A 148 7.99 -15.12 -2.47
N THR A 149 7.39 -15.08 -3.64
CA THR A 149 6.12 -14.38 -3.81
C THR A 149 5.05 -14.88 -2.84
N LEU A 150 4.97 -16.17 -2.65
CA LEU A 150 3.85 -16.69 -1.87
C LEU A 150 4.12 -16.50 -0.39
N LEU A 151 5.37 -16.75 -0.01
CA LEU A 151 5.80 -16.46 1.36
C LEU A 151 5.56 -15.02 1.78
N PHE A 152 5.95 -14.07 0.93
CA PHE A 152 5.78 -12.67 1.33
C PHE A 152 4.31 -12.27 1.45
N HIS A 153 3.47 -12.84 0.59
CA HIS A 153 2.02 -12.60 0.66
C HIS A 153 1.53 -13.19 1.96
N SER A 154 2.23 -14.21 2.44
CA SER A 154 1.76 -14.95 3.58
C SER A 154 2.05 -14.23 4.87
N ILE A 155 3.27 -13.75 4.98
CA ILE A 155 3.65 -13.07 6.20
C ILE A 155 2.87 -11.77 6.34
N THR A 156 2.61 -11.08 5.24
CA THR A 156 1.86 -9.83 5.34
C THR A 156 0.40 -10.03 5.73
N SER A 157 -0.26 -11.03 5.13
CA SER A 157 -1.67 -11.27 5.43
C SER A 157 -1.82 -11.72 6.88
N ASN A 158 -0.86 -12.54 7.32
CA ASN A 158 -0.82 -12.99 8.69
C ASN A 158 -0.72 -11.85 9.70
N ILE A 159 0.00 -10.78 9.35
CA ILE A 159 0.05 -9.63 10.24
C ILE A 159 -1.32 -8.98 10.36
N ILE A 160 -2.02 -8.83 9.23
CA ILE A 160 -3.37 -8.28 9.28
C ILE A 160 -4.37 -9.22 9.95
N CYS A 161 -4.19 -10.53 9.77
CA CYS A 161 -5.07 -11.49 10.43
C CYS A 161 -4.84 -11.37 11.93
N SER A 162 -3.56 -11.45 12.29
CA SER A 162 -3.17 -11.39 13.67
C SER A 162 -3.88 -10.22 14.31
N ILE A 163 -3.85 -9.08 13.62
CA ILE A 163 -4.45 -7.89 14.15
C ILE A 163 -5.95 -8.01 14.18
N VAL A 164 -6.53 -8.54 13.11
CA VAL A 164 -7.96 -8.46 12.91
C VAL A 164 -8.78 -9.65 13.42
N PHE A 165 -8.20 -10.85 13.36
CA PHE A 165 -8.88 -12.06 13.81
C PHE A 165 -8.22 -12.59 15.07
N GLY A 166 -7.13 -11.96 15.48
CA GLY A 166 -6.42 -12.45 16.63
C GLY A 166 -5.78 -13.83 16.45
N LYS A 167 -5.68 -14.31 15.21
CA LYS A 167 -4.95 -15.55 14.96
C LYS A 167 -4.09 -15.45 13.69
N ARG A 168 -3.13 -16.35 13.55
CA ARG A 168 -2.36 -16.47 12.32
C ARG A 168 -2.50 -17.88 11.71
N PHE A 169 -1.83 -18.13 10.59
CA PHE A 169 -2.08 -19.32 9.80
C PHE A 169 -0.80 -19.98 9.33
N ASP A 170 -0.73 -21.31 9.40
CA ASP A 170 0.48 -22.01 8.97
C ASP A 170 0.68 -21.78 7.46
N TYR A 171 1.93 -21.77 7.02
CA TYR A 171 2.21 -21.42 5.63
C TYR A 171 1.79 -22.48 4.65
N LYS A 172 1.29 -23.60 5.15
CA LYS A 172 0.90 -24.70 4.29
C LYS A 172 -0.58 -25.00 4.49
N ASP A 173 -1.23 -24.18 5.31
CA ASP A 173 -2.66 -24.30 5.56
C ASP A 173 -3.43 -24.17 4.24
N PRO A 174 -4.02 -25.28 3.77
CA PRO A 174 -4.51 -25.28 2.38
C PRO A 174 -5.69 -24.34 2.14
N VAL A 175 -6.61 -24.21 3.08
CA VAL A 175 -7.75 -23.32 2.78
C VAL A 175 -7.37 -21.85 2.97
N PHE A 176 -6.37 -21.62 3.80
CA PHE A 176 -5.74 -20.33 3.91
C PHE A 176 -5.20 -19.99 2.52
N LEU A 177 -4.35 -20.87 2.01
CA LEU A 177 -3.75 -20.68 0.69
C LEU A 177 -4.74 -20.53 -0.46
N ARG A 178 -5.95 -21.07 -0.31
CA ARG A 178 -6.89 -20.96 -1.40
C ARG A 178 -7.35 -19.51 -1.41
N LEU A 179 -7.61 -18.99 -0.23
CA LEU A 179 -8.11 -17.63 -0.10
C LEU A 179 -6.99 -16.64 -0.44
N LEU A 180 -5.81 -16.89 0.09
CA LEU A 180 -4.62 -16.20 -0.36
C LEU A 180 -4.68 -16.00 -1.87
N ASP A 181 -4.59 -17.11 -2.58
CA ASP A 181 -4.45 -17.11 -4.04
C ASP A 181 -5.54 -16.26 -4.69
N LEU A 182 -6.73 -16.46 -4.22
CA LEU A 182 -7.89 -15.79 -4.76
C LEU A 182 -7.75 -14.26 -4.59
N PHE A 183 -7.41 -13.87 -3.37
CA PHE A 183 -7.37 -12.48 -2.97
C PHE A 183 -6.27 -11.77 -3.77
N PHE A 184 -5.09 -12.36 -3.87
CA PHE A 184 -3.97 -11.72 -4.56
C PHE A 184 -4.03 -11.70 -6.08
N GLN A 185 -4.84 -12.60 -6.63
CA GLN A 185 -5.13 -12.57 -8.06
C GLN A 185 -5.87 -11.27 -8.33
N SER A 186 -6.64 -10.81 -7.34
CA SER A 186 -7.42 -9.59 -7.52
C SER A 186 -6.52 -8.41 -7.80
N PHE A 187 -5.47 -8.27 -7.01
CA PHE A 187 -4.53 -7.18 -7.19
C PHE A 187 -4.02 -7.10 -8.62
N SER A 188 -3.67 -8.25 -9.21
CA SER A 188 -3.15 -8.17 -10.56
C SER A 188 -4.25 -7.84 -11.57
N LEU A 189 -5.46 -8.30 -11.33
CA LEU A 189 -6.53 -7.92 -12.21
C LEU A 189 -6.80 -6.43 -12.12
N ILE A 190 -6.80 -5.93 -10.89
CA ILE A 190 -7.10 -4.54 -10.60
C ILE A 190 -6.16 -3.57 -11.31
N SER A 191 -4.92 -3.98 -11.54
CA SER A 191 -3.97 -3.06 -12.16
C SER A 191 -3.66 -3.45 -13.61
N SER A 192 -4.53 -4.29 -14.15
CA SER A 192 -4.42 -4.68 -15.54
C SER A 192 -4.81 -3.48 -16.40
N PHE A 193 -4.52 -3.56 -17.69
CA PHE A 193 -4.94 -2.57 -18.63
C PHE A 193 -6.46 -2.53 -18.69
N SER A 194 -7.08 -3.69 -18.77
CA SER A 194 -8.53 -3.79 -18.73
C SER A 194 -9.14 -2.99 -17.59
N SER A 195 -8.54 -3.00 -16.42
CA SER A 195 -9.17 -2.34 -15.30
C SER A 195 -8.98 -0.85 -15.42
N GLN A 196 -7.97 -0.44 -16.17
CA GLN A 196 -7.74 0.98 -16.34
C GLN A 196 -8.67 1.48 -17.40
N VAL A 197 -9.06 0.61 -18.33
CA VAL A 197 -10.07 1.00 -19.30
C VAL A 197 -11.41 1.06 -18.60
N PHE A 198 -11.59 0.17 -17.64
CA PHE A 198 -12.85 0.10 -16.94
C PHE A 198 -13.04 1.36 -16.14
N GLU A 199 -11.94 1.89 -15.62
CA GLU A 199 -11.94 3.13 -14.86
C GLU A 199 -12.61 4.25 -15.67
N LEU A 200 -12.18 4.42 -16.91
CA LEU A 200 -12.73 5.42 -17.82
C LEU A 200 -14.15 5.16 -18.29
N PHE A 201 -14.50 3.89 -18.56
CA PHE A 201 -15.76 3.57 -19.24
C PHE A 201 -16.64 2.51 -18.59
N SER A 202 -16.48 2.29 -17.30
CA SER A 202 -17.30 1.34 -16.58
C SER A 202 -18.76 1.48 -16.98
N GLY A 203 -19.26 2.71 -17.01
CA GLY A 203 -20.63 2.96 -17.38
C GLY A 203 -21.13 2.18 -18.58
N PHE A 204 -20.22 1.66 -19.38
CA PHE A 204 -20.60 0.84 -20.53
C PHE A 204 -20.10 -0.59 -20.35
N LEU A 205 -18.85 -0.74 -19.96
CA LEU A 205 -18.29 -2.07 -19.85
C LEU A 205 -18.91 -2.89 -18.73
N LYS A 206 -19.66 -2.23 -17.84
CA LYS A 206 -20.27 -2.92 -16.70
C LYS A 206 -21.24 -3.98 -17.18
N TYR A 207 -21.76 -3.83 -18.40
CA TYR A 207 -22.73 -4.78 -18.93
C TYR A 207 -22.14 -6.09 -19.45
N PHE A 208 -20.82 -6.13 -19.65
CA PHE A 208 -20.20 -7.29 -20.28
C PHE A 208 -19.21 -7.99 -19.40
N PRO A 209 -18.81 -9.21 -19.78
CA PRO A 209 -17.81 -9.89 -18.97
C PRO A 209 -16.49 -9.15 -19.09
N GLY A 210 -15.65 -9.26 -18.06
CA GLY A 210 -14.35 -8.62 -18.02
C GLY A 210 -13.78 -8.79 -16.62
N THR A 211 -12.59 -8.21 -16.39
CA THR A 211 -11.93 -8.32 -15.10
C THR A 211 -12.79 -7.87 -13.94
N HIS A 212 -13.64 -6.87 -14.15
CA HIS A 212 -14.45 -6.39 -13.04
C HIS A 212 -15.27 -7.49 -12.39
N ARG A 213 -15.77 -8.44 -13.19
CA ARG A 213 -16.57 -9.51 -12.60
C ARG A 213 -15.71 -10.44 -11.78
N GLN A 214 -14.56 -10.82 -12.34
CA GLN A 214 -13.61 -11.61 -11.57
C GLN A 214 -13.26 -10.94 -10.23
N ILE A 215 -12.99 -9.63 -10.26
CA ILE A 215 -12.58 -8.91 -9.07
C ILE A 215 -13.76 -8.88 -8.12
N TYR A 216 -14.96 -8.73 -8.66
CA TYR A 216 -16.15 -8.83 -7.84
C TYR A 216 -16.26 -10.20 -7.14
N ARG A 217 -16.14 -11.30 -7.87
CA ARG A 217 -16.28 -12.61 -7.23
C ARG A 217 -15.23 -12.83 -6.14
N ASN A 218 -13.96 -12.58 -6.47
CA ASN A 218 -12.90 -12.73 -5.47
C ASN A 218 -13.14 -11.92 -4.19
N LEU A 219 -13.57 -10.67 -4.33
CA LEU A 219 -13.80 -9.90 -3.12
C LEU A 219 -15.06 -10.34 -2.36
N GLN A 220 -16.05 -10.87 -3.08
CA GLN A 220 -17.22 -11.43 -2.41
C GLN A 220 -16.84 -12.66 -1.58
N GLU A 221 -15.96 -13.50 -2.12
CA GLU A 221 -15.50 -14.71 -1.46
C GLU A 221 -14.81 -14.39 -0.14
N ILE A 222 -13.90 -13.42 -0.18
CA ILE A 222 -13.24 -12.96 1.04
C ILE A 222 -14.23 -12.31 1.99
N ASN A 223 -15.14 -11.51 1.46
CA ASN A 223 -16.17 -10.93 2.30
C ASN A 223 -16.97 -12.00 2.99
N THR A 224 -17.33 -13.03 2.25
CA THR A 224 -18.04 -14.14 2.84
C THR A 224 -17.23 -14.70 4.02
N PHE A 225 -15.93 -14.87 3.81
CA PHE A 225 -15.13 -15.43 4.86
C PHE A 225 -14.98 -14.47 6.05
N ILE A 226 -14.91 -13.19 5.73
CA ILE A 226 -14.78 -12.20 6.76
C ILE A 226 -16.02 -12.28 7.65
N GLY A 227 -17.19 -12.26 7.02
CA GLY A 227 -18.45 -12.31 7.73
C GLY A 227 -18.62 -13.52 8.63
N GLN A 228 -18.17 -14.70 8.18
CA GLN A 228 -18.38 -15.87 9.02
C GLN A 228 -17.33 -15.97 10.11
N SER A 229 -16.32 -15.12 10.04
CA SER A 229 -15.41 -15.00 11.16
C SER A 229 -15.92 -13.92 12.12
N VAL A 230 -16.76 -13.02 11.61
CA VAL A 230 -17.38 -12.01 12.45
C VAL A 230 -18.42 -12.70 13.33
N GLU A 231 -19.01 -13.78 12.82
CA GLU A 231 -19.98 -14.53 13.60
C GLU A 231 -19.28 -15.25 14.75
N LYS A 232 -18.31 -16.09 14.43
CA LYS A 232 -17.52 -16.74 15.47
C LYS A 232 -17.24 -15.74 16.59
N HIS A 233 -16.45 -14.71 16.27
CA HIS A 233 -16.12 -13.68 17.24
C HIS A 233 -17.32 -13.24 18.08
N ARG A 234 -18.49 -13.11 17.46
CA ARG A 234 -19.63 -12.54 18.15
C ARG A 234 -20.19 -13.45 19.24
N ALA A 235 -20.13 -14.75 19.02
CA ALA A 235 -20.67 -15.71 19.98
C ALA A 235 -19.60 -16.18 20.97
N THR A 236 -18.46 -15.48 20.98
CA THR A 236 -17.40 -15.75 21.95
C THR A 236 -16.97 -14.43 22.61
N LEU A 237 -17.70 -13.38 22.26
CA LEU A 237 -17.40 -12.03 22.74
C LEU A 237 -17.31 -11.97 24.27
N ASP A 238 -16.10 -11.69 24.76
CA ASP A 238 -15.83 -11.51 26.18
C ASP A 238 -15.57 -10.03 26.43
N PRO A 239 -16.63 -9.29 26.80
CA PRO A 239 -16.54 -7.82 26.88
C PRO A 239 -15.45 -7.30 27.81
N SER A 240 -14.65 -8.21 28.39
CA SER A 240 -13.59 -7.80 29.30
C SER A 240 -12.18 -8.08 28.77
N ASN A 241 -12.08 -8.98 27.80
CA ASN A 241 -10.80 -9.24 27.16
C ASN A 241 -10.86 -9.27 25.64
N PRO A 242 -11.24 -8.13 25.02
CA PRO A 242 -11.27 -7.95 23.57
C PRO A 242 -9.98 -8.43 22.95
N ARG A 243 -10.08 -9.49 22.14
CA ARG A 243 -8.92 -10.22 21.64
C ARG A 243 -8.25 -9.52 20.45
N ASP A 244 -9.05 -8.79 19.68
CA ASP A 244 -8.56 -8.23 18.42
C ASP A 244 -9.48 -7.16 17.86
N PHE A 245 -9.19 -6.75 16.63
CA PHE A 245 -9.92 -5.67 16.00
C PHE A 245 -11.43 -5.88 16.05
N ILE A 246 -11.88 -6.99 15.48
CA ILE A 246 -13.31 -7.27 15.39
C ILE A 246 -14.01 -7.11 16.73
N ASP A 247 -13.40 -7.63 17.79
CA ASP A 247 -13.98 -7.51 19.12
C ASP A 247 -14.23 -6.04 19.48
N VAL A 248 -13.17 -5.24 19.43
CA VAL A 248 -13.27 -3.85 19.78
C VAL A 248 -14.39 -3.17 19.00
N TYR A 249 -14.54 -3.54 17.73
CA TYR A 249 -15.61 -3.00 16.89
C TYR A 249 -16.96 -3.41 17.47
N LEU A 250 -17.15 -4.73 17.57
CA LEU A 250 -18.40 -5.34 18.05
C LEU A 250 -18.89 -4.75 19.36
N LEU A 251 -17.97 -4.55 20.30
CA LEU A 251 -18.26 -3.86 21.54
C LEU A 251 -18.70 -2.44 21.24
N ARG A 252 -17.99 -1.78 20.35
CA ARG A 252 -18.36 -0.44 19.90
C ARG A 252 -19.69 -0.44 19.16
N MET A 253 -20.00 -1.54 18.48
CA MET A 253 -21.26 -1.61 17.77
C MET A 253 -22.37 -1.61 18.80
N GLU A 254 -22.08 -2.24 19.93
CA GLU A 254 -23.00 -2.31 21.04
C GLU A 254 -23.38 -0.93 21.53
N LYS A 255 -22.40 -0.16 22.00
CA LYS A 255 -22.62 1.21 22.45
C LYS A 255 -23.69 1.93 21.65
N ASP A 256 -23.49 2.02 20.34
CA ASP A 256 -24.41 2.76 19.49
C ASP A 256 -25.48 1.89 18.83
N LYS A 257 -25.73 0.69 19.38
CA LYS A 257 -26.87 -0.11 18.96
C LYS A 257 -28.13 0.68 19.28
N SER A 258 -27.98 1.63 20.20
CA SER A 258 -29.05 2.53 20.60
C SER A 258 -29.21 3.71 19.64
N ASP A 259 -28.24 3.86 18.73
CA ASP A 259 -28.26 4.96 17.77
C ASP A 259 -28.32 4.51 16.31
N PRO A 260 -29.52 4.59 15.71
CA PRO A 260 -29.75 4.32 14.27
C PRO A 260 -29.13 5.38 13.34
N SER A 261 -28.04 6.00 13.78
CA SER A 261 -27.35 6.97 12.97
C SER A 261 -25.85 6.79 13.16
N SER A 262 -25.50 5.75 13.92
CA SER A 262 -24.10 5.40 14.18
C SER A 262 -23.46 4.76 12.97
N GLU A 263 -22.17 5.02 12.78
CA GLU A 263 -21.46 4.47 11.64
C GLU A 263 -21.03 3.03 11.87
N PHE A 264 -21.00 2.62 13.14
CA PHE A 264 -20.55 1.28 13.46
C PHE A 264 -21.67 0.27 13.38
N HIS A 265 -21.82 -0.29 12.18
CA HIS A 265 -22.77 -1.37 11.95
C HIS A 265 -22.07 -2.55 11.26
N HIS A 266 -22.84 -3.57 10.89
CA HIS A 266 -22.26 -4.76 10.26
C HIS A 266 -21.50 -4.44 8.98
N GLN A 267 -22.16 -3.75 8.05
CA GLN A 267 -21.55 -3.46 6.75
C GLN A 267 -20.22 -2.69 6.86
N ASN A 268 -20.21 -1.63 7.65
CA ASN A 268 -18.99 -0.86 7.85
C ASN A 268 -17.89 -1.72 8.45
N LEU A 269 -18.27 -2.75 9.18
CA LEU A 269 -17.29 -3.64 9.76
C LEU A 269 -16.62 -4.55 8.73
N ILE A 270 -17.44 -5.28 7.97
CA ILE A 270 -16.91 -6.22 6.98
C ILE A 270 -15.97 -5.51 6.04
N LEU A 271 -16.41 -4.35 5.54
CA LEU A 271 -15.64 -3.65 4.53
C LEU A 271 -14.40 -2.97 5.07
N THR A 272 -14.42 -2.60 6.35
CA THR A 272 -13.23 -2.01 6.96
C THR A 272 -12.17 -3.08 7.07
N VAL A 273 -12.63 -4.29 7.33
CA VAL A 273 -11.70 -5.39 7.47
C VAL A 273 -11.17 -5.73 6.11
N LEU A 274 -12.06 -5.73 5.12
CA LEU A 274 -11.60 -5.92 3.75
C LEU A 274 -10.53 -4.86 3.48
N SER A 275 -10.89 -3.60 3.75
CA SER A 275 -10.02 -2.46 3.52
C SER A 275 -8.62 -2.74 4.07
N LEU A 276 -8.56 -3.20 5.32
CA LEU A 276 -7.26 -3.50 5.96
C LEU A 276 -6.44 -4.51 5.20
N PHE A 277 -7.09 -5.51 4.61
CA PHE A 277 -6.40 -6.48 3.80
C PHE A 277 -6.08 -5.89 2.46
N PHE A 278 -7.05 -5.15 1.94
CA PHE A 278 -6.92 -4.55 0.62
C PHE A 278 -5.74 -3.57 0.57
N ALA A 279 -5.72 -2.60 1.48
CA ALA A 279 -4.62 -1.63 1.51
C ALA A 279 -3.42 -2.17 2.21
N GLY A 280 -3.63 -3.17 3.04
CA GLY A 280 -2.63 -3.51 4.03
C GLY A 280 -1.69 -4.61 3.63
N THR A 281 -1.91 -5.20 2.46
CA THR A 281 -1.27 -6.48 2.23
C THR A 281 -0.37 -6.60 0.99
N GLU A 282 -0.90 -6.30 -0.18
CA GLU A 282 -0.08 -6.40 -1.38
C GLU A 282 1.15 -5.49 -1.42
N THR A 283 0.97 -4.20 -1.11
CA THR A 283 2.07 -3.24 -1.22
C THR A 283 3.25 -3.59 -0.29
N THR A 284 2.93 -3.92 0.95
CA THR A 284 3.97 -4.39 1.84
C THR A 284 4.69 -5.58 1.21
N SER A 285 3.90 -6.54 0.72
CA SER A 285 4.47 -7.76 0.16
C SER A 285 5.37 -7.51 -1.05
N THR A 286 4.90 -6.68 -1.96
CA THR A 286 5.66 -6.39 -3.14
C THR A 286 6.86 -5.51 -2.79
N THR A 287 6.76 -4.71 -1.75
CA THR A 287 7.94 -3.94 -1.33
C THR A 287 9.01 -4.95 -0.95
N LEU A 288 8.64 -5.83 -0.01
CA LEU A 288 9.56 -6.88 0.40
C LEU A 288 10.14 -7.63 -0.80
N ARG A 289 9.27 -8.11 -1.68
CA ARG A 289 9.73 -8.89 -2.82
C ARG A 289 10.74 -8.07 -3.60
N TYR A 290 10.41 -6.82 -3.84
CA TYR A 290 11.28 -5.92 -4.60
C TYR A 290 12.60 -5.57 -3.89
N GLY A 291 12.56 -5.41 -2.56
CA GLY A 291 13.75 -5.24 -1.77
C GLY A 291 14.77 -6.31 -2.10
N PHE A 292 14.32 -7.56 -2.05
CA PHE A 292 15.23 -8.68 -2.25
C PHE A 292 15.73 -8.79 -3.68
N LEU A 293 14.85 -8.50 -4.62
CA LEU A 293 15.30 -8.45 -5.98
C LEU A 293 16.44 -7.46 -6.05
N LEU A 294 16.24 -6.28 -5.46
CA LEU A 294 17.28 -5.24 -5.42
C LEU A 294 18.58 -5.65 -4.73
N MET A 295 18.48 -6.27 -3.57
CA MET A 295 19.68 -6.74 -2.88
C MET A 295 20.44 -7.77 -3.69
N LEU A 296 19.76 -8.50 -4.58
CA LEU A 296 20.48 -9.41 -5.47
C LEU A 296 21.26 -8.64 -6.55
N LYS A 297 20.70 -7.53 -7.01
CA LYS A 297 21.40 -6.71 -8.01
C LYS A 297 22.54 -5.92 -7.38
N TYR A 298 22.45 -5.70 -6.07
CA TYR A 298 23.42 -4.87 -5.38
C TYR A 298 23.94 -5.52 -4.09
N PRO A 299 24.74 -6.57 -4.24
CA PRO A 299 25.34 -7.30 -3.11
C PRO A 299 26.04 -6.39 -2.09
N HIS A 300 26.88 -5.45 -2.57
CA HIS A 300 27.61 -4.52 -1.68
C HIS A 300 26.71 -3.83 -0.67
N VAL A 301 25.50 -3.48 -1.08
CA VAL A 301 24.52 -2.95 -0.16
C VAL A 301 24.12 -3.98 0.87
N THR A 302 23.82 -5.18 0.38
CA THR A 302 23.42 -6.28 1.23
C THR A 302 24.52 -6.57 2.24
N GLU A 303 25.76 -6.65 1.76
CA GLU A 303 26.89 -6.84 2.64
C GLU A 303 26.86 -5.77 3.75
N ARG A 304 26.83 -4.51 3.34
CA ARG A 304 26.79 -3.41 4.29
C ARG A 304 25.62 -3.57 5.24
N VAL A 305 24.44 -3.88 4.73
CA VAL A 305 23.30 -4.04 5.64
C VAL A 305 23.63 -5.10 6.68
N GLN A 306 24.24 -6.19 6.24
CA GLN A 306 24.56 -7.28 7.14
C GLN A 306 25.61 -6.85 8.17
N LYS A 307 26.63 -6.16 7.69
CA LYS A 307 27.69 -5.64 8.58
C LYS A 307 27.11 -4.82 9.71
N GLU A 308 26.11 -4.03 9.40
CA GLU A 308 25.52 -3.12 10.37
C GLU A 308 24.56 -3.86 11.31
N ILE A 309 23.98 -4.95 10.84
CA ILE A 309 23.15 -5.79 11.70
C ILE A 309 24.05 -6.44 12.73
N GLU A 310 25.22 -6.86 12.26
CA GLU A 310 26.23 -7.49 13.11
C GLU A 310 26.60 -6.56 14.25
N GLN A 311 26.95 -5.32 13.91
CA GLN A 311 27.36 -4.34 14.94
C GLN A 311 26.25 -3.98 15.91
N VAL A 312 25.01 -3.86 15.45
CA VAL A 312 23.97 -3.29 16.32
C VAL A 312 23.20 -4.30 17.12
N ILE A 313 22.91 -5.43 16.50
CA ILE A 313 21.99 -6.44 17.02
C ILE A 313 22.73 -7.71 17.43
N GLY A 314 23.71 -8.09 16.62
CA GLY A 314 24.48 -9.29 16.87
C GLY A 314 23.92 -10.50 16.14
N SER A 315 24.36 -11.68 16.55
CA SER A 315 23.87 -12.90 15.92
C SER A 315 22.92 -13.60 16.85
N HIS A 316 23.02 -13.33 18.14
CA HIS A 316 22.10 -13.92 19.09
C HIS A 316 20.68 -13.38 18.84
N ARG A 317 20.35 -12.27 19.47
CA ARG A 317 18.95 -11.85 19.58
C ARG A 317 18.28 -11.39 18.28
N PRO A 318 16.94 -11.35 18.28
CA PRO A 318 16.13 -10.98 17.13
C PRO A 318 15.95 -9.48 17.00
N PRO A 319 16.07 -8.95 15.77
CA PRO A 319 15.87 -7.51 15.57
C PRO A 319 14.62 -7.03 16.25
N ALA A 320 14.68 -5.85 16.86
CA ALA A 320 13.49 -5.20 17.37
C ALA A 320 13.44 -3.78 16.81
N LEU A 321 12.34 -3.09 17.08
CA LEU A 321 12.01 -1.88 16.35
C LEU A 321 12.96 -0.72 16.63
N ASP A 322 13.41 -0.58 17.86
CA ASP A 322 14.33 0.52 18.18
C ASP A 322 15.76 0.24 17.79
N ASP A 323 15.99 -0.87 17.11
CA ASP A 323 17.27 -1.05 16.47
C ASP A 323 17.38 -0.13 15.25
N ARG A 324 16.22 0.28 14.72
CA ARG A 324 16.17 1.06 13.48
C ARG A 324 16.85 2.44 13.65
N ALA A 325 16.52 3.17 14.72
CA ALA A 325 17.16 4.46 15.01
C ALA A 325 18.69 4.36 15.18
N LYS A 326 19.21 3.16 15.38
CA LYS A 326 20.66 3.00 15.51
C LYS A 326 21.25 2.41 14.23
N MET A 327 20.40 2.25 13.22
CA MET A 327 20.83 1.66 11.96
C MET A 327 20.44 2.56 10.79
N PRO A 328 21.22 3.63 10.58
CA PRO A 328 20.93 4.62 9.55
C PRO A 328 21.06 4.03 8.15
N TYR A 329 22.11 3.28 7.89
CA TYR A 329 22.27 2.76 6.55
C TYR A 329 21.09 1.86 6.16
N THR A 330 20.67 1.03 7.10
CA THR A 330 19.57 0.13 6.84
C THR A 330 18.27 0.91 6.60
N ASP A 331 17.94 1.85 7.48
CA ASP A 331 16.74 2.66 7.26
C ASP A 331 16.80 3.35 5.88
N ALA A 332 18.01 3.64 5.41
CA ALA A 332 18.14 4.40 4.18
C ALA A 332 17.84 3.49 3.00
N VAL A 333 18.40 2.29 3.07
CA VAL A 333 18.15 1.27 2.06
C VAL A 333 16.65 0.97 1.94
N ILE A 334 15.98 0.78 3.08
CA ILE A 334 14.55 0.60 3.05
C ILE A 334 13.88 1.79 2.36
N HIS A 335 14.22 3.01 2.77
CA HIS A 335 13.59 4.20 2.19
C HIS A 335 13.82 4.17 0.68
N GLU A 336 15.05 3.87 0.30
CA GLU A 336 15.39 3.88 -1.11
C GLU A 336 14.71 2.70 -1.85
N ILE A 337 14.37 1.63 -1.13
CA ILE A 337 13.67 0.53 -1.74
C ILE A 337 12.28 1.03 -2.04
N GLN A 338 11.63 1.61 -1.04
CA GLN A 338 10.29 2.12 -1.24
C GLN A 338 10.25 3.19 -2.31
N ARG A 339 11.25 4.06 -2.33
CA ARG A 339 11.28 5.14 -3.32
C ARG A 339 11.38 4.63 -4.75
N LEU A 340 12.38 3.80 -5.00
CA LEU A 340 12.57 3.30 -6.34
C LEU A 340 11.37 2.43 -6.66
N GLY A 341 10.93 1.69 -5.64
CA GLY A 341 9.81 0.77 -5.76
C GLY A 341 8.63 1.45 -6.43
N ASP A 342 8.18 2.55 -5.84
CA ASP A 342 7.18 3.42 -6.46
C ASP A 342 5.89 2.63 -6.71
N LEU A 343 5.46 1.90 -5.70
CA LEU A 343 4.42 0.90 -5.83
C LEU A 343 2.99 1.41 -6.05
N ILE A 344 2.76 2.69 -5.79
CA ILE A 344 1.46 3.31 -6.01
C ILE A 344 1.66 4.59 -6.79
N PRO A 345 2.00 4.45 -8.08
CA PRO A 345 2.55 5.55 -8.89
C PRO A 345 1.66 6.79 -8.93
N PHE A 346 0.38 6.65 -9.27
CA PHE A 346 -0.50 7.83 -9.31
C PHE A 346 -1.43 7.97 -8.12
N GLY A 347 -1.03 7.34 -7.01
CA GLY A 347 -1.75 7.42 -5.76
C GLY A 347 -3.13 6.82 -5.80
N VAL A 348 -3.96 7.25 -4.86
CA VAL A 348 -5.34 6.80 -4.79
C VAL A 348 -6.22 8.02 -4.88
N PRO A 349 -7.25 7.94 -5.71
CA PRO A 349 -8.11 9.10 -5.98
C PRO A 349 -8.51 9.87 -4.71
N HIS A 350 -8.28 11.17 -4.73
CA HIS A 350 -8.90 12.07 -3.77
C HIS A 350 -10.08 12.75 -4.45
N THR A 351 -10.90 13.41 -3.65
CA THR A 351 -11.78 14.45 -4.20
C THR A 351 -11.61 15.65 -3.31
N VAL A 352 -12.00 16.81 -3.82
CA VAL A 352 -12.06 18.04 -3.03
C VAL A 352 -13.41 18.06 -2.30
N THR A 353 -13.40 18.61 -1.09
CA THR A 353 -14.61 18.61 -0.23
C THR A 353 -15.44 19.90 -0.33
N LYS A 354 -15.04 20.81 -1.23
CA LYS A 354 -15.61 22.14 -1.32
C LYS A 354 -14.99 22.80 -2.52
N ASP A 355 -15.65 23.79 -3.11
CA ASP A 355 -14.99 24.53 -4.18
C ASP A 355 -13.68 25.04 -3.62
N THR A 356 -12.66 25.10 -4.46
CA THR A 356 -11.31 25.32 -3.97
C THR A 356 -10.48 26.18 -4.90
N GLN A 357 -9.69 27.07 -4.33
CA GLN A 357 -8.75 27.84 -5.10
C GLN A 357 -7.43 27.13 -5.01
N PHE A 358 -6.78 26.95 -6.16
CA PHE A 358 -5.48 26.32 -6.16
C PHE A 358 -4.67 26.93 -7.29
N ARG A 359 -3.50 27.44 -6.97
CA ARG A 359 -2.67 28.09 -7.98
C ARG A 359 -3.47 28.90 -9.00
N GLY A 360 -4.52 29.58 -8.52
CA GLY A 360 -5.28 30.50 -9.36
C GLY A 360 -6.33 29.79 -10.16
N TYR A 361 -6.63 28.55 -9.76
CA TYR A 361 -7.73 27.81 -10.36
C TYR A 361 -8.77 27.51 -9.32
N VAL A 362 -9.98 27.27 -9.80
CA VAL A 362 -11.09 26.84 -8.95
C VAL A 362 -11.48 25.41 -9.27
N ILE A 363 -11.44 24.58 -8.24
CA ILE A 363 -11.85 23.19 -8.34
C ILE A 363 -13.17 22.94 -7.61
N PRO A 364 -14.22 22.64 -8.38
CA PRO A 364 -15.58 22.40 -7.89
C PRO A 364 -15.69 21.22 -6.94
N LYS A 365 -16.66 21.28 -6.02
CA LYS A 365 -16.83 20.25 -5.01
C LYS A 365 -16.83 18.87 -5.62
N ASN A 366 -16.10 17.95 -4.99
CA ASN A 366 -16.15 16.54 -5.34
C ASN A 366 -15.44 16.16 -6.63
N THR A 367 -14.74 17.12 -7.23
CA THR A 367 -13.92 16.80 -8.37
C THR A 367 -12.80 15.87 -7.90
N GLU A 368 -12.60 14.80 -8.66
CA GLU A 368 -11.50 13.87 -8.38
C GLU A 368 -10.13 14.49 -8.62
N VAL A 369 -9.25 14.23 -7.66
CA VAL A 369 -7.87 14.68 -7.74
C VAL A 369 -6.97 13.47 -7.62
N PHE A 370 -6.01 13.39 -8.53
CA PHE A 370 -5.03 12.32 -8.58
C PHE A 370 -3.65 12.87 -8.29
N PRO A 371 -3.18 12.72 -7.04
CA PRO A 371 -1.82 13.07 -6.65
C PRO A 371 -0.82 12.01 -7.09
N VAL A 372 0.00 12.34 -8.07
CA VAL A 372 0.88 11.36 -8.69
C VAL A 372 2.17 11.18 -7.92
N LEU A 373 2.16 10.29 -6.94
CA LEU A 373 3.31 10.16 -6.05
C LEU A 373 4.60 9.76 -6.75
N SER A 374 4.47 9.14 -7.91
CA SER A 374 5.64 8.70 -8.66
C SER A 374 6.46 9.91 -9.08
N SER A 375 5.81 11.03 -9.34
CA SER A 375 6.53 12.19 -9.85
C SER A 375 7.31 12.91 -8.74
N ALA A 376 6.89 12.70 -7.49
CA ALA A 376 7.65 13.12 -6.32
C ALA A 376 8.80 12.17 -6.06
N LEU A 377 8.51 10.88 -6.02
CA LEU A 377 9.56 9.89 -5.76
C LEU A 377 10.72 9.94 -6.78
N HIS A 378 10.51 10.59 -7.91
CA HIS A 378 11.55 10.66 -8.93
C HIS A 378 11.92 12.11 -9.19
N ASP A 379 11.49 13.00 -8.31
CA ASP A 379 11.77 14.41 -8.46
C ASP A 379 13.28 14.67 -8.45
N PRO A 380 13.82 15.13 -9.58
CA PRO A 380 15.28 15.37 -9.65
C PRO A 380 15.75 16.54 -8.75
N ARG A 381 14.85 17.34 -8.22
CA ARG A 381 15.27 18.34 -7.25
C ARG A 381 15.75 17.69 -5.96
N TYR A 382 15.06 16.63 -5.54
CA TYR A 382 15.38 15.94 -4.29
C TYR A 382 16.21 14.67 -4.45
N PHE A 383 16.35 14.16 -5.67
CA PHE A 383 17.11 12.93 -5.90
C PHE A 383 18.12 13.10 -7.01
N GLU A 384 19.37 13.32 -6.63
CA GLU A 384 20.46 13.20 -7.57
C GLU A 384 20.18 11.79 -7.98
N THR A 385 20.25 11.42 -9.26
CA THR A 385 20.04 9.97 -9.54
C THR A 385 18.59 9.42 -9.26
N PRO A 386 17.56 10.03 -9.86
CA PRO A 386 16.21 9.61 -9.46
C PRO A 386 15.85 8.22 -9.98
N ASN A 387 16.56 7.75 -11.00
CA ASN A 387 16.18 6.45 -11.58
C ASN A 387 17.20 5.36 -11.32
N THR A 388 18.09 5.61 -10.38
CA THR A 388 19.09 4.63 -10.00
C THR A 388 18.94 4.37 -8.53
N PHE A 389 19.22 3.15 -8.12
CA PHE A 389 19.17 2.81 -6.73
C PHE A 389 20.37 3.45 -6.04
N ASN A 390 20.14 4.02 -4.86
CA ASN A 390 21.12 4.89 -4.26
C ASN A 390 20.68 5.26 -2.86
N PRO A 391 21.03 4.43 -1.88
CA PRO A 391 20.76 4.70 -0.47
C PRO A 391 21.29 6.06 -0.06
N GLY A 392 22.31 6.54 -0.76
CA GLY A 392 22.79 7.91 -0.59
C GLY A 392 21.74 9.01 -0.56
N HIS A 393 20.63 8.86 -1.28
CA HIS A 393 19.57 9.85 -1.26
C HIS A 393 19.06 10.16 0.13
N PHE A 394 19.38 9.32 1.11
CA PHE A 394 18.76 9.46 2.42
C PHE A 394 19.80 9.52 3.53
N LEU A 395 21.06 9.60 3.11
CA LEU A 395 22.18 9.71 4.03
C LEU A 395 22.95 11.00 3.84
N ASP A 396 23.05 11.78 4.91
CA ASP A 396 23.94 12.94 4.90
C ASP A 396 25.42 12.52 4.92
N ALA A 397 26.30 13.51 4.97
CA ALA A 397 27.74 13.30 4.86
C ALA A 397 28.35 12.58 6.06
N ASN A 398 27.61 12.51 7.16
CA ASN A 398 28.09 11.85 8.35
C ASN A 398 27.41 10.51 8.53
N GLY A 399 26.92 9.96 7.43
CA GLY A 399 26.17 8.73 7.46
C GLY A 399 24.94 8.80 8.35
N ALA A 400 24.38 9.99 8.52
CA ALA A 400 23.16 10.15 9.30
C ALA A 400 21.92 10.20 8.39
N LEU A 401 20.78 9.78 8.95
CA LEU A 401 19.57 9.64 8.17
C LEU A 401 18.86 10.98 7.93
N LYS A 402 18.79 11.42 6.68
CA LYS A 402 18.23 12.73 6.36
C LYS A 402 16.83 12.65 5.72
N ARG A 403 15.85 13.32 6.35
CA ARG A 403 14.51 13.41 5.75
C ARG A 403 14.66 13.97 4.34
N ASN A 404 13.67 13.67 3.50
CA ASN A 404 13.67 14.11 2.11
C ASN A 404 12.26 14.51 1.68
N GLU A 405 12.09 15.77 1.29
CA GLU A 405 10.77 16.28 0.94
C GLU A 405 10.13 15.47 -0.22
N GLY A 406 10.99 14.84 -1.03
CA GLY A 406 10.53 14.13 -2.21
C GLY A 406 9.95 12.76 -1.90
N PHE A 407 10.14 12.34 -0.65
CA PHE A 407 9.79 11.00 -0.24
C PHE A 407 8.43 10.96 0.43
N MET A 408 7.40 10.64 -0.36
CA MET A 408 6.06 10.51 0.16
C MET A 408 5.33 9.22 -0.29
N PRO A 409 5.96 8.04 -0.11
CA PRO A 409 5.36 6.75 -0.52
C PRO A 409 4.00 6.44 0.11
N PHE A 410 3.77 6.88 1.35
CA PHE A 410 2.48 6.65 1.98
C PHE A 410 1.58 7.83 1.73
N SER A 411 1.96 8.66 0.76
CA SER A 411 1.21 9.87 0.50
C SER A 411 1.41 10.87 1.65
N LEU A 412 0.54 11.87 1.69
CA LEU A 412 0.66 12.97 2.63
C LEU A 412 -0.71 13.42 3.09
N GLY A 413 -0.75 13.98 4.30
CA GLY A 413 -1.90 14.76 4.68
C GLY A 413 -2.85 13.95 5.49
N LYS A 414 -4.12 14.35 5.43
CA LYS A 414 -5.14 13.75 6.26
C LYS A 414 -5.45 12.32 5.87
N ARG A 415 -5.24 11.98 4.60
CA ARG A 415 -5.47 10.61 4.11
C ARG A 415 -4.22 9.76 4.13
N ILE A 416 -3.10 10.30 4.60
CA ILE A 416 -1.85 9.53 4.60
C ILE A 416 -2.10 8.11 5.07
N CYS A 417 -1.35 7.18 4.51
CA CYS A 417 -1.49 5.77 4.82
C CYS A 417 -1.72 5.55 6.30
N LEU A 418 -2.87 4.99 6.58
CA LEU A 418 -3.21 4.65 7.95
C LEU A 418 -2.29 3.58 8.55
N GLY A 419 -1.60 2.82 7.70
CA GLY A 419 -0.80 1.72 8.20
C GLY A 419 0.69 1.98 8.17
N GLU A 420 1.07 3.24 7.95
CA GLU A 420 2.48 3.59 7.76
C GLU A 420 3.35 2.93 8.83
N GLY A 421 2.90 3.03 10.08
CA GLY A 421 3.66 2.59 11.23
C GLY A 421 3.92 1.11 11.20
N ILE A 422 2.83 0.36 11.06
CA ILE A 422 2.87 -1.09 10.89
C ILE A 422 3.71 -1.45 9.69
N ALA A 423 3.36 -0.86 8.56
CA ALA A 423 4.06 -1.14 7.33
C ALA A 423 5.56 -1.04 7.53
N ARG A 424 6.00 0.09 8.09
CA ARG A 424 7.44 0.36 8.16
C ARG A 424 8.14 -0.59 9.11
N THR A 425 7.42 -0.99 10.14
CA THR A 425 7.94 -1.97 11.06
C THR A 425 8.11 -3.31 10.36
N GLU A 426 7.07 -3.72 9.63
CA GLU A 426 7.20 -4.95 8.84
C GLU A 426 8.46 -4.89 7.99
N LEU A 427 8.59 -3.84 7.18
CA LEU A 427 9.75 -3.75 6.30
C LEU A 427 11.02 -3.88 7.10
N PHE A 428 11.07 -3.17 8.21
CA PHE A 428 12.32 -3.16 8.96
C PHE A 428 12.61 -4.53 9.55
N LEU A 429 11.67 -5.03 10.35
CA LEU A 429 11.85 -6.32 11.00
C LEU A 429 12.01 -7.52 10.05
N PHE A 430 11.25 -7.60 8.95
CA PHE A 430 11.43 -8.72 8.03
C PHE A 430 12.73 -8.56 7.30
N PHE A 431 13.03 -7.37 6.83
CA PHE A 431 14.27 -7.21 6.11
C PHE A 431 15.44 -7.62 6.97
N THR A 432 15.47 -7.09 8.20
CA THR A 432 16.64 -7.32 9.06
C THR A 432 16.69 -8.71 9.65
N THR A 433 15.55 -9.22 10.05
CA THR A 433 15.47 -10.58 10.58
C THR A 433 15.85 -11.63 9.54
N ILE A 434 15.44 -11.45 8.30
CA ILE A 434 15.84 -12.36 7.26
C ILE A 434 17.32 -12.21 7.01
N LEU A 435 17.78 -10.96 6.94
CA LEU A 435 19.19 -10.69 6.59
C LEU A 435 20.16 -11.08 7.70
N GLN A 436 19.69 -11.04 8.94
CA GLN A 436 20.39 -11.61 10.08
C GLN A 436 20.75 -13.10 9.90
N ASN A 437 19.75 -13.93 9.57
CA ASN A 437 19.94 -15.37 9.47
C ASN A 437 20.30 -15.96 8.10
N PHE A 438 20.34 -15.15 7.05
CA PHE A 438 20.53 -15.68 5.70
C PHE A 438 21.31 -14.78 4.77
N SER A 439 22.24 -15.37 4.03
CA SER A 439 22.73 -14.76 2.81
C SER A 439 21.73 -15.06 1.70
N ILE A 440 21.93 -14.46 0.52
CA ILE A 440 20.99 -14.70 -0.56
C ILE A 440 21.78 -14.84 -1.83
N ALA A 441 21.23 -15.56 -2.78
CA ALA A 441 21.90 -15.76 -4.05
C ALA A 441 20.91 -16.10 -5.16
N SER A 442 21.34 -15.88 -6.38
CA SER A 442 20.50 -16.15 -7.52
C SER A 442 21.36 -16.68 -8.65
N PRO A 443 20.78 -17.55 -9.48
CA PRO A 443 21.45 -18.04 -10.68
C PRO A 443 21.91 -16.84 -11.48
N VAL A 444 21.04 -15.85 -11.59
CA VAL A 444 21.27 -14.68 -12.42
C VAL A 444 22.39 -13.79 -11.90
N PRO A 445 23.36 -13.48 -12.77
CA PRO A 445 24.41 -12.49 -12.50
C PRO A 445 23.79 -11.13 -12.20
N PRO A 446 24.30 -10.46 -11.15
CA PRO A 446 23.84 -9.15 -10.67
C PRO A 446 23.52 -8.19 -11.80
N GLU A 447 24.50 -7.90 -12.65
CA GLU A 447 24.34 -6.81 -13.61
C GLU A 447 23.50 -7.20 -14.82
N ASP A 448 22.81 -8.32 -14.74
CA ASP A 448 21.85 -8.68 -15.77
C ASP A 448 20.49 -8.87 -15.16
N ILE A 449 20.28 -8.23 -14.01
CA ILE A 449 18.99 -8.27 -13.34
C ILE A 449 18.11 -7.10 -13.75
N ASP A 450 17.17 -7.36 -14.65
CA ASP A 450 16.24 -6.34 -15.12
C ASP A 450 15.28 -5.96 -14.00
N LEU A 451 15.11 -4.66 -13.74
CA LEU A 451 14.23 -4.22 -12.64
C LEU A 451 12.95 -3.55 -13.11
N THR A 452 12.68 -3.62 -14.41
CA THR A 452 11.46 -3.03 -14.95
C THR A 452 10.26 -3.89 -14.57
N PRO A 453 9.20 -3.24 -14.05
CA PRO A 453 7.98 -3.91 -13.57
C PRO A 453 7.16 -4.53 -14.70
N ARG A 454 6.83 -5.82 -14.56
CA ARG A 454 6.04 -6.57 -15.55
C ARG A 454 4.74 -5.85 -15.92
N GLU A 455 4.01 -5.41 -14.90
CA GLU A 455 2.78 -4.65 -15.10
C GLU A 455 2.78 -3.37 -14.27
N SER A 456 2.18 -2.31 -14.82
CA SER A 456 2.08 -1.02 -14.11
C SER A 456 0.69 -0.44 -14.25
N GLY A 457 -0.02 -0.38 -13.12
CA GLY A 457 -1.34 0.25 -13.03
C GLY A 457 -1.42 0.93 -11.68
N VAL A 458 -2.62 0.99 -11.08
CA VAL A 458 -2.78 1.58 -9.74
C VAL A 458 -1.86 0.92 -8.69
N GLY A 459 -1.18 -0.14 -9.11
CA GLY A 459 -0.06 -0.74 -8.39
C GLY A 459 1.01 -1.20 -9.37
N ASN A 460 2.26 -1.26 -8.92
CA ASN A 460 3.36 -1.76 -9.76
C ASN A 460 3.80 -3.17 -9.34
N VAL A 461 4.11 -4.04 -10.33
CA VAL A 461 4.64 -5.37 -10.01
C VAL A 461 6.02 -5.63 -10.60
N PRO A 462 7.01 -5.88 -9.73
CA PRO A 462 8.36 -6.26 -10.19
C PRO A 462 8.33 -7.64 -10.83
N PRO A 463 9.34 -7.92 -11.66
CA PRO A 463 9.44 -9.24 -12.28
C PRO A 463 9.54 -10.35 -11.22
N SER A 464 8.98 -11.52 -11.50
CA SER A 464 9.25 -12.69 -10.67
C SER A 464 10.70 -13.13 -10.90
N TYR A 465 11.30 -13.70 -9.86
CA TYR A 465 12.71 -14.06 -9.88
C TYR A 465 12.92 -15.19 -8.91
N GLN A 466 13.99 -15.95 -9.09
CA GLN A 466 14.27 -17.03 -8.16
C GLN A 466 15.42 -16.65 -7.24
N ILE A 467 15.31 -17.05 -5.98
CA ILE A 467 16.29 -16.72 -4.99
C ILE A 467 16.58 -17.93 -4.09
N ARG A 468 17.83 -18.08 -3.64
CA ARG A 468 18.12 -18.99 -2.53
C ARG A 468 18.38 -18.21 -1.25
N PHE A 469 17.79 -18.66 -0.16
CA PHE A 469 18.15 -18.16 1.15
C PHE A 469 19.12 -19.13 1.82
N LEU A 470 20.39 -18.75 1.85
CA LEU A 470 21.43 -19.60 2.38
C LEU A 470 21.57 -19.40 3.87
N ALA A 471 22.20 -20.35 4.54
CA ALA A 471 22.26 -20.35 5.99
C ALA A 471 23.36 -19.44 6.55
N ARG A 472 23.26 -19.19 7.84
CA ARG A 472 24.30 -18.50 8.59
C ARG A 472 24.44 -19.21 9.94
N HIS A 473 23.43 -20.03 10.25
CA HIS A 473 23.44 -20.92 11.42
C HIS A 473 23.85 -22.34 11.04
#